data_6TO7
#
_entry.id   6TO7
#
_cell.length_a   57.9
_cell.length_b   158.47
_cell.length_c   183.62
_cell.angle_alpha   90
_cell.angle_beta   95.31
_cell.angle_gamma   90
#
_symmetry.space_group_name_H-M   'I 1 2 1'
#
loop_
_entity.id
_entity.type
_entity.pdbx_description
1 polymer 'Orexin receptor type 1'
2 non-polymer [(7R)-4-(5-chloro-1,3-benzoxazol-2-yl)-7-methyl-1,4-diazepan-1-yl][5-methyl-2-(2H-1,2,3-triazol-2-yl)phenyl]methanone
3 non-polymer 'TETRAETHYLENE GLYCOL'
4 non-polymer 'CITRIC ACID'
5 non-polymer 'octyl 1-thio-beta-D-glucopyranoside'
6 non-polymer '(1R)-2-{[(S)-{[(2S)-2,3-dihydroxypropyl]oxy}(hydroxy)phosphoryl]oxy}-1-[(hexadecanoyloxy)methyl]ethyl (9Z)-octadec-9-enoate'
7 non-polymer 'SODIUM ION'
8 water water
#
_entity_poly.entity_id   1
_entity_poly.type   'polypeptide(L)'
_entity_poly.pdbx_seq_one_letter_code
;AASEDEFLRYLWRDYLYPKQYAWVLIAAYVAVFVVALVGNTLVCLAVWRNHHMRTVTNYFLVNLSLADVLATAICLPASL
LVDITESWLFGHALCKVIPYLQAVSVSVAVLTLSFIALDRWYAICHPLLFKSTARRALGSILGIWAVSLAIMVPQAAVME
CSSVLPELAARTRAFSVCDERWADDLAPKIYHSCFFIVTYLAPLGLMAMAYFQIFRKLWGRQIPGTTSAEVKQMRARRKT
AKMLMVVVLVFALCYLPISVLNVLKRVFGMFRQASDREAVYAAFTFSHWLVYANSAANPIIYNFLSGKFREQFKAAFSWW
LPGLAAAHHHHHHHHH
;
_entity_poly.pdbx_strand_id   A,B
#
# COMPACT_ATOMS: atom_id res chain seq x y z
N TYR A 21 26.76 20.23 -24.55
CA TYR A 21 26.08 19.32 -23.62
C TYR A 21 24.64 18.97 -24.04
N ALA A 22 23.94 19.88 -24.77
CA ALA A 22 22.55 19.70 -25.16
C ALA A 22 22.37 18.59 -26.18
N TRP A 23 23.33 18.41 -27.09
CA TRP A 23 23.28 17.35 -28.10
C TRP A 23 23.64 15.97 -27.54
N VAL A 24 24.47 15.89 -26.47
CA VAL A 24 24.83 14.63 -25.81
C VAL A 24 23.59 14.16 -25.03
N LEU A 25 22.84 15.14 -24.48
CA LEU A 25 21.60 14.95 -23.78
C LEU A 25 20.51 14.42 -24.75
N ILE A 26 20.44 15.00 -25.98
CA ILE A 26 19.51 14.56 -27.04
C ILE A 26 19.86 13.12 -27.44
N ALA A 27 21.15 12.86 -27.76
CA ALA A 27 21.64 11.53 -28.15
C ALA A 27 21.35 10.48 -27.06
N ALA A 28 21.53 10.84 -25.76
CA ALA A 28 21.28 9.95 -24.63
C ALA A 28 19.79 9.55 -24.51
N TYR A 29 18.88 10.53 -24.63
CA TYR A 29 17.43 10.34 -24.57
C TYR A 29 16.92 9.57 -25.79
N VAL A 30 17.46 9.87 -27.00
CA VAL A 30 17.08 9.19 -28.25
C VAL A 30 17.50 7.70 -28.22
N ALA A 31 18.73 7.41 -27.76
CA ALA A 31 19.25 6.04 -27.63
C ALA A 31 18.33 5.21 -26.73
N VAL A 32 17.96 5.78 -25.55
CA VAL A 32 17.09 5.16 -24.55
C VAL A 32 15.67 4.96 -25.09
N PHE A 33 15.12 5.94 -25.82
CA PHE A 33 13.79 5.89 -26.45
C PHE A 33 13.73 4.70 -27.45
N VAL A 34 14.73 4.61 -28.36
CA VAL A 34 14.81 3.54 -29.35
C VAL A 34 15.01 2.18 -28.68
N VAL A 35 16.03 2.02 -27.82
CA VAL A 35 16.31 0.75 -27.09
C VAL A 35 15.10 0.31 -26.22
N ALA A 36 14.47 1.22 -25.45
CA ALA A 36 13.30 0.90 -24.63
C ALA A 36 12.08 0.47 -25.46
N LEU A 37 11.80 1.12 -26.63
CA LEU A 37 10.64 0.74 -27.43
C LEU A 37 10.83 -0.60 -28.10
N VAL A 38 11.99 -0.83 -28.75
CA VAL A 38 12.30 -2.10 -29.40
C VAL A 38 12.34 -3.23 -28.36
N GLY A 39 13.16 -3.07 -27.31
CA GLY A 39 13.33 -4.03 -26.24
C GLY A 39 12.06 -4.46 -25.55
N ASN A 40 11.21 -3.49 -25.20
CA ASN A 40 9.96 -3.79 -24.51
C ASN A 40 8.89 -4.37 -25.43
N THR A 41 8.95 -4.06 -26.74
CA THR A 41 8.04 -4.67 -27.73
C THR A 41 8.42 -6.17 -27.85
N LEU A 42 9.74 -6.47 -27.91
CA LEU A 42 10.26 -7.82 -27.97
C LEU A 42 9.85 -8.67 -26.75
N VAL A 43 9.81 -8.06 -25.54
CA VAL A 43 9.39 -8.74 -24.31
C VAL A 43 7.91 -9.18 -24.47
N CYS A 44 7.02 -8.25 -24.88
CA CYS A 44 5.58 -8.51 -25.07
C CYS A 44 5.34 -9.55 -26.13
N LEU A 45 6.07 -9.47 -27.27
CA LEU A 45 5.96 -10.43 -28.37
C LEU A 45 6.43 -11.84 -27.99
N ALA A 46 7.56 -11.98 -27.26
CA ALA A 46 8.12 -13.26 -26.79
C ALA A 46 7.13 -14.07 -25.92
N VAL A 47 6.49 -13.38 -24.95
CA VAL A 47 5.54 -13.98 -24.04
C VAL A 47 4.22 -14.30 -24.76
N TRP A 48 3.77 -13.39 -25.62
CA TRP A 48 2.53 -13.54 -26.37
C TRP A 48 2.60 -14.69 -27.38
N ARG A 49 3.68 -14.77 -28.18
CA ARG A 49 3.87 -15.79 -29.20
C ARG A 49 4.29 -17.17 -28.71
N ASN A 50 4.88 -17.31 -27.51
CA ASN A 50 5.35 -18.60 -27.01
C ASN A 50 4.67 -19.06 -25.74
N HIS A 51 4.04 -20.26 -25.74
CA HIS A 51 3.36 -20.84 -24.57
C HIS A 51 4.33 -21.13 -23.39
N HIS A 52 5.55 -21.59 -23.69
CA HIS A 52 6.58 -21.86 -22.68
C HIS A 52 6.99 -20.59 -21.90
N MET A 53 6.77 -19.38 -22.49
CA MET A 53 7.08 -18.08 -21.89
C MET A 53 5.97 -17.55 -20.99
N ARG A 54 4.76 -18.12 -21.06
CA ARG A 54 3.59 -17.66 -20.31
C ARG A 54 3.59 -18.08 -18.83
N THR A 55 4.67 -17.74 -18.10
CA THR A 55 4.81 -18.00 -16.67
C THR A 55 4.25 -16.79 -15.92
N VAL A 56 3.85 -16.97 -14.65
CA VAL A 56 3.34 -15.87 -13.77
C VAL A 56 4.31 -14.67 -13.78
N THR A 57 5.62 -14.92 -13.59
CA THR A 57 6.67 -13.90 -13.60
C THR A 57 6.68 -13.15 -14.93
N ASN A 58 6.58 -13.88 -16.06
CA ASN A 58 6.63 -13.27 -17.41
C ASN A 58 5.39 -12.45 -17.73
N TYR A 59 4.22 -12.78 -17.12
CA TYR A 59 2.99 -11.99 -17.25
C TYR A 59 3.24 -10.64 -16.56
N PHE A 60 3.85 -10.68 -15.36
CA PHE A 60 4.20 -9.47 -14.62
C PHE A 60 5.31 -8.68 -15.33
N LEU A 61 6.29 -9.36 -16.00
CA LEU A 61 7.36 -8.68 -16.76
C LEU A 61 6.78 -7.96 -17.97
N VAL A 62 5.72 -8.53 -18.61
CA VAL A 62 5.02 -7.88 -19.74
C VAL A 62 4.36 -6.59 -19.21
N ASN A 63 3.72 -6.67 -18.01
CA ASN A 63 3.09 -5.52 -17.38
C ASN A 63 4.10 -4.41 -17.07
N LEU A 64 5.30 -4.79 -16.60
CA LEU A 64 6.39 -3.86 -16.35
C LEU A 64 6.79 -3.21 -17.67
N SER A 65 6.82 -3.98 -18.80
CA SER A 65 7.10 -3.45 -20.14
C SER A 65 6.03 -2.48 -20.62
N LEU A 66 4.75 -2.72 -20.24
CA LEU A 66 3.63 -1.81 -20.59
C LEU A 66 3.76 -0.48 -19.83
N ALA A 67 4.16 -0.55 -18.55
CA ALA A 67 4.41 0.63 -17.71
C ALA A 67 5.56 1.46 -18.31
N ASP A 68 6.62 0.75 -18.70
CA ASP A 68 7.83 1.32 -19.27
C ASP A 68 7.60 1.88 -20.68
N VAL A 69 6.70 1.30 -21.50
CA VAL A 69 6.34 1.82 -22.83
C VAL A 69 5.47 3.08 -22.65
N LEU A 70 4.61 3.12 -21.63
CA LEU A 70 3.79 4.29 -21.32
C LEU A 70 4.70 5.51 -21.04
N ALA A 71 5.75 5.32 -20.21
CA ALA A 71 6.72 6.35 -19.83
C ALA A 71 7.61 6.73 -21.02
N THR A 72 8.09 5.73 -21.78
CA THR A 72 8.95 5.92 -22.95
C THR A 72 8.25 6.67 -24.07
N ALA A 73 7.04 6.25 -24.44
CA ALA A 73 6.31 6.87 -25.54
C ALA A 73 5.82 8.29 -25.28
N ILE A 74 5.23 8.56 -24.10
CA ILE A 74 4.59 9.84 -23.80
C ILE A 74 5.43 10.75 -22.91
N CYS A 75 5.94 10.24 -21.79
CA CYS A 75 6.68 11.08 -20.83
C CYS A 75 8.14 11.39 -21.24
N LEU A 76 8.88 10.43 -21.79
CA LEU A 76 10.28 10.62 -22.21
C LEU A 76 10.44 11.82 -23.19
N PRO A 77 9.68 11.95 -24.31
CA PRO A 77 9.90 13.13 -25.19
C PRO A 77 9.62 14.47 -24.48
N ALA A 78 8.59 14.53 -23.58
CA ALA A 78 8.22 15.73 -22.81
C ALA A 78 9.34 16.12 -21.86
N SER A 79 9.96 15.15 -21.18
CA SER A 79 11.07 15.37 -20.26
C SER A 79 12.33 15.82 -21.00
N LEU A 80 12.57 15.34 -22.23
CA LEU A 80 13.73 15.76 -23.03
C LEU A 80 13.70 17.26 -23.38
N LEU A 81 12.54 17.72 -23.84
CA LEU A 81 12.31 19.15 -24.18
C LEU A 81 12.25 20.07 -22.95
N VAL A 82 11.74 19.57 -21.83
CA VAL A 82 11.70 20.35 -20.59
C VAL A 82 13.16 20.49 -20.17
N ASP A 83 13.95 19.41 -20.18
CA ASP A 83 15.36 19.45 -19.78
C ASP A 83 16.20 20.32 -20.72
N ILE A 84 15.89 20.35 -22.02
CA ILE A 84 16.62 21.21 -22.97
C ILE A 84 16.12 22.66 -22.96
N THR A 85 14.81 22.86 -23.21
CA THR A 85 14.24 24.20 -23.36
C THR A 85 14.07 24.94 -22.05
N GLU A 86 13.89 24.21 -20.92
CA GLU A 86 13.64 24.74 -19.58
C GLU A 86 12.28 25.44 -19.51
N SER A 87 11.30 24.90 -20.27
CA SER A 87 9.94 25.43 -20.37
C SER A 87 8.92 24.32 -20.73
N TRP A 88 7.62 24.61 -20.52
CA TRP A 88 6.57 23.66 -20.87
C TRP A 88 5.97 24.08 -22.19
N LEU A 89 6.10 23.22 -23.19
CA LEU A 89 5.63 23.53 -24.54
C LEU A 89 4.42 22.72 -25.03
N PHE A 90 3.69 22.07 -24.10
CA PHE A 90 2.59 21.17 -24.45
C PHE A 90 1.16 21.63 -24.03
N GLY A 91 1.03 22.84 -23.51
CA GLY A 91 -0.25 23.37 -23.10
C GLY A 91 -0.70 22.95 -21.70
N HIS A 92 -1.80 23.57 -21.25
CA HIS A 92 -2.40 23.39 -19.93
C HIS A 92 -2.90 21.97 -19.64
N ALA A 93 -3.63 21.34 -20.57
CA ALA A 93 -4.18 19.99 -20.39
C ALA A 93 -3.08 18.94 -20.20
N LEU A 94 -2.05 18.98 -21.07
CA LEU A 94 -0.92 18.05 -21.03
C LEU A 94 -0.03 18.28 -19.83
N CYS A 95 -0.11 19.46 -19.18
CA CYS A 95 0.63 19.78 -17.95
C CYS A 95 0.09 18.90 -16.79
N LYS A 96 -1.18 18.47 -16.86
CA LYS A 96 -1.80 17.60 -15.86
C LYS A 96 -1.58 16.13 -16.22
N VAL A 97 -1.89 15.76 -17.47
CA VAL A 97 -1.84 14.41 -18.04
C VAL A 97 -0.43 13.77 -18.02
N ILE A 98 0.61 14.41 -18.62
CA ILE A 98 1.97 13.84 -18.71
C ILE A 98 2.59 13.58 -17.29
N PRO A 99 2.62 14.54 -16.32
CA PRO A 99 3.12 14.21 -14.96
C PRO A 99 2.31 13.09 -14.29
N TYR A 100 0.98 13.07 -14.51
CA TYR A 100 0.09 12.02 -14.01
C TYR A 100 0.49 10.63 -14.58
N LEU A 101 0.65 10.52 -15.92
CA LEU A 101 1.04 9.28 -16.59
C LEU A 101 2.41 8.76 -16.14
N GLN A 102 3.35 9.67 -15.81
CA GLN A 102 4.67 9.31 -15.30
C GLN A 102 4.51 8.73 -13.89
N ALA A 103 3.68 9.39 -13.04
CA ALA A 103 3.43 8.89 -11.69
C ALA A 103 2.73 7.49 -11.76
N VAL A 104 1.78 7.30 -12.72
CA VAL A 104 1.08 6.03 -12.95
C VAL A 104 2.09 4.91 -13.32
N SER A 105 2.99 5.19 -14.27
CA SER A 105 4.04 4.30 -14.75
C SER A 105 4.95 3.76 -13.60
N VAL A 106 5.38 4.64 -12.65
CA VAL A 106 6.23 4.29 -11.50
C VAL A 106 5.45 3.38 -10.55
N SER A 107 4.19 3.74 -10.27
CA SER A 107 3.29 2.97 -9.40
C SER A 107 3.06 1.57 -10.00
N VAL A 108 2.81 1.49 -11.33
CA VAL A 108 2.63 0.21 -12.02
C VAL A 108 3.91 -0.61 -11.96
N ALA A 109 5.07 -0.01 -12.26
CA ALA A 109 6.36 -0.69 -12.23
C ALA A 109 6.68 -1.25 -10.85
N VAL A 110 6.56 -0.40 -9.80
CA VAL A 110 6.93 -0.81 -8.46
C VAL A 110 5.91 -1.81 -7.87
N LEU A 111 4.60 -1.68 -8.17
CA LEU A 111 3.63 -2.67 -7.69
C LEU A 111 3.79 -3.98 -8.45
N THR A 112 4.18 -3.91 -9.76
CA THR A 112 4.47 -5.10 -10.57
C THR A 112 5.65 -5.85 -9.93
N LEU A 113 6.79 -5.14 -9.68
CA LEU A 113 7.97 -5.75 -9.04
C LEU A 113 7.64 -6.34 -7.65
N SER A 114 6.80 -5.63 -6.88
CA SER A 114 6.32 -6.07 -5.55
C SER A 114 5.55 -7.38 -5.63
N PHE A 115 4.62 -7.51 -6.62
CA PHE A 115 3.78 -8.69 -6.85
C PHE A 115 4.59 -9.90 -7.35
N ILE A 116 5.67 -9.69 -8.10
CA ILE A 116 6.57 -10.75 -8.55
C ILE A 116 7.26 -11.32 -7.28
N ALA A 117 7.81 -10.41 -6.42
CA ALA A 117 8.49 -10.75 -5.17
C ALA A 117 7.56 -11.53 -4.25
N LEU A 118 6.32 -11.05 -4.13
CA LEU A 118 5.27 -11.68 -3.34
C LEU A 118 4.97 -13.11 -3.84
N ASP A 119 4.86 -13.26 -5.16
CA ASP A 119 4.61 -14.54 -5.81
C ASP A 119 5.74 -15.54 -5.55
N ARG A 120 6.99 -15.12 -5.79
CA ARG A 120 8.19 -15.92 -5.61
C ARG A 120 8.41 -16.27 -4.14
N TRP A 121 8.20 -15.30 -3.23
CA TRP A 121 8.35 -15.50 -1.79
C TRP A 121 7.38 -16.54 -1.30
N TYR A 122 6.12 -16.49 -1.76
CA TYR A 122 5.13 -17.51 -1.39
C TYR A 122 5.46 -18.83 -2.02
N ALA A 123 5.69 -18.87 -3.35
CA ALA A 123 6.01 -20.12 -4.04
C ALA A 123 7.22 -20.86 -3.42
N ILE A 124 8.29 -20.12 -3.07
CA ILE A 124 9.55 -20.67 -2.56
C ILE A 124 9.62 -20.82 -1.04
N CYS A 125 9.29 -19.77 -0.25
CA CYS A 125 9.39 -19.83 1.21
C CYS A 125 8.16 -20.38 1.94
N HIS A 126 6.94 -20.23 1.39
CA HIS A 126 5.70 -20.75 2.01
C HIS A 126 4.82 -21.39 0.92
N PRO A 127 5.26 -22.59 0.40
CA PRO A 127 4.59 -23.20 -0.77
C PRO A 127 3.13 -23.60 -0.70
N LEU A 128 2.57 -23.85 0.48
CA LEU A 128 1.20 -24.40 0.55
C LEU A 128 0.06 -23.39 0.85
N LEU A 129 0.35 -22.09 0.88
CA LEU A 129 -0.63 -21.09 1.27
C LEU A 129 -1.52 -20.59 0.15
N PHE A 130 -0.94 -19.93 -0.86
CA PHE A 130 -1.68 -19.37 -1.98
C PHE A 130 -1.31 -20.09 -3.29
N LYS A 131 -2.24 -20.17 -4.24
CA LYS A 131 -2.00 -20.78 -5.56
C LYS A 131 -1.51 -19.70 -6.54
N SER A 132 -0.43 -20.00 -7.26
CA SER A 132 0.21 -19.10 -8.23
C SER A 132 -0.19 -19.50 -9.66
N THR A 133 -1.19 -18.83 -10.24
CA THR A 133 -1.64 -19.11 -11.60
C THR A 133 -1.54 -17.87 -12.47
N ALA A 134 -1.51 -18.06 -13.81
CA ALA A 134 -1.48 -17.00 -14.82
C ALA A 134 -2.75 -16.12 -14.79
N ARG A 135 -3.94 -16.74 -14.56
CA ARG A 135 -5.23 -16.05 -14.45
C ARG A 135 -5.28 -15.17 -13.21
N ARG A 136 -4.69 -15.64 -12.08
CA ARG A 136 -4.59 -14.85 -10.86
C ARG A 136 -3.58 -13.70 -11.08
N ALA A 137 -2.52 -13.93 -11.90
CA ALA A 137 -1.53 -12.92 -12.24
C ALA A 137 -2.18 -11.82 -13.09
N LEU A 138 -3.08 -12.19 -14.03
CA LEU A 138 -3.84 -11.23 -14.84
C LEU A 138 -4.83 -10.41 -13.97
N GLY A 139 -5.43 -11.05 -12.96
CA GLY A 139 -6.30 -10.39 -12.00
C GLY A 139 -5.54 -9.35 -11.22
N SER A 140 -4.31 -9.71 -10.75
CA SER A 140 -3.40 -8.81 -10.03
C SER A 140 -2.97 -7.64 -10.91
N ILE A 141 -2.67 -7.89 -12.19
CA ILE A 141 -2.24 -6.88 -13.17
C ILE A 141 -3.33 -5.78 -13.35
N LEU A 142 -4.63 -6.18 -13.43
CA LEU A 142 -5.75 -5.24 -13.53
C LEU A 142 -5.88 -4.40 -12.29
N GLY A 143 -5.74 -5.04 -11.11
CA GLY A 143 -5.77 -4.37 -9.81
C GLY A 143 -4.64 -3.36 -9.67
N ILE A 144 -3.43 -3.69 -10.19
CA ILE A 144 -2.27 -2.78 -10.17
C ILE A 144 -2.59 -1.47 -10.93
N TRP A 145 -3.21 -1.57 -12.12
CA TRP A 145 -3.59 -0.43 -12.95
C TRP A 145 -4.72 0.35 -12.32
N ALA A 146 -5.72 -0.33 -11.75
CA ALA A 146 -6.89 0.30 -11.09
C ALA A 146 -6.39 1.15 -9.91
N VAL A 147 -5.53 0.59 -9.03
CA VAL A 147 -4.91 1.27 -7.90
C VAL A 147 -4.06 2.46 -8.37
N SER A 148 -3.11 2.21 -9.31
CA SER A 148 -2.18 3.22 -9.83
C SER A 148 -2.86 4.41 -10.48
N LEU A 149 -3.93 4.15 -11.26
CA LEU A 149 -4.64 5.22 -11.95
C LEU A 149 -5.39 6.11 -10.95
N ALA A 150 -5.85 5.55 -9.83
CA ALA A 150 -6.59 6.26 -8.80
C ALA A 150 -5.68 7.05 -7.88
N ILE A 151 -4.67 6.39 -7.25
CA ILE A 151 -3.75 6.99 -6.28
C ILE A 151 -2.92 8.15 -6.85
N MET A 152 -2.77 8.21 -8.19
CA MET A 152 -2.01 9.28 -8.82
C MET A 152 -2.87 10.46 -9.30
N VAL A 153 -4.20 10.44 -9.06
CA VAL A 153 -5.09 11.57 -9.38
C VAL A 153 -4.64 12.83 -8.58
N PRO A 154 -4.23 12.79 -7.27
CA PRO A 154 -3.72 14.02 -6.61
C PRO A 154 -2.58 14.73 -7.35
N GLN A 155 -1.68 13.98 -8.04
CA GLN A 155 -0.58 14.51 -8.86
C GLN A 155 -1.14 15.36 -10.02
N ALA A 156 -2.14 14.85 -10.74
CA ALA A 156 -2.79 15.54 -11.85
C ALA A 156 -3.49 16.83 -11.34
N ALA A 157 -4.12 16.75 -10.14
CA ALA A 157 -4.85 17.84 -9.49
C ALA A 157 -3.94 19.05 -9.14
N VAL A 158 -2.70 18.81 -8.65
CA VAL A 158 -1.80 19.88 -8.23
C VAL A 158 -1.06 20.56 -9.42
N MET A 159 -0.92 19.87 -10.58
CA MET A 159 -0.18 20.43 -11.73
C MET A 159 -0.85 21.66 -12.27
N GLU A 160 -0.07 22.73 -12.38
CA GLU A 160 -0.48 24.03 -12.90
C GLU A 160 0.52 24.48 -13.97
N CYS A 161 0.03 25.17 -14.99
CA CYS A 161 0.85 25.71 -16.06
C CYS A 161 0.72 27.24 -16.02
N SER A 162 1.86 27.92 -15.89
CA SER A 162 1.87 29.37 -15.78
C SER A 162 3.08 30.00 -16.43
N SER A 163 2.88 31.20 -16.98
CA SER A 163 3.92 31.99 -17.60
C SER A 163 4.58 32.87 -16.55
N VAL A 164 5.92 33.00 -16.64
CA VAL A 164 6.74 33.86 -15.77
C VAL A 164 6.44 35.34 -16.15
N LEU A 165 6.16 35.57 -17.45
CA LEU A 165 5.75 36.85 -18.00
C LEU A 165 4.34 36.66 -18.63
N PRO A 166 3.27 36.88 -17.81
CA PRO A 166 1.89 36.65 -18.31
C PRO A 166 1.48 37.33 -19.62
N GLU A 167 2.09 38.49 -19.93
CA GLU A 167 1.83 39.26 -21.15
C GLU A 167 2.37 38.59 -22.42
N LEU A 168 3.28 37.61 -22.26
CA LEU A 168 3.90 36.86 -23.35
C LEU A 168 3.22 35.52 -23.62
N ALA A 169 2.39 35.05 -22.65
CA ALA A 169 1.64 33.79 -22.68
C ALA A 169 0.78 33.58 -23.94
N ALA A 170 0.21 34.67 -24.48
CA ALA A 170 -0.60 34.63 -25.70
C ALA A 170 0.31 34.35 -26.92
N ARG A 171 1.47 35.04 -26.96
CA ARG A 171 2.51 35.03 -28.00
C ARG A 171 3.38 33.78 -28.05
N THR A 172 3.88 33.30 -26.90
CA THR A 172 4.79 32.16 -26.85
C THR A 172 4.65 31.27 -25.58
N ARG A 173 5.14 30.02 -25.67
CA ARG A 173 5.18 29.06 -24.56
C ARG A 173 6.61 28.93 -24.01
N ALA A 174 7.52 29.81 -24.48
CA ALA A 174 8.93 29.86 -24.12
C ALA A 174 9.15 30.15 -22.65
N PHE A 175 8.26 30.96 -22.06
CA PHE A 175 8.35 31.38 -20.66
C PHE A 175 7.26 30.72 -19.78
N SER A 176 6.70 29.58 -20.29
CA SER A 176 5.68 28.80 -19.62
C SER A 176 6.33 27.69 -18.81
N VAL A 177 5.83 27.48 -17.60
CA VAL A 177 6.39 26.49 -16.68
C VAL A 177 5.28 25.57 -16.16
N CYS A 178 5.52 24.25 -16.15
CA CYS A 178 4.57 23.26 -15.61
C CYS A 178 5.11 22.86 -14.25
N ASP A 179 4.34 23.13 -13.18
CA ASP A 179 4.76 22.80 -11.83
C ASP A 179 3.57 22.58 -10.90
N GLU A 180 3.83 22.04 -9.70
CA GLU A 180 2.81 21.75 -8.69
C GLU A 180 2.43 23.02 -7.98
N ARG A 181 1.13 23.32 -7.88
CA ARG A 181 0.65 24.50 -7.14
C ARG A 181 0.15 24.01 -5.81
N TRP A 182 0.83 24.44 -4.73
CA TRP A 182 0.51 24.08 -3.35
C TRP A 182 0.01 25.30 -2.59
N ALA A 183 -1.13 25.17 -1.90
CA ALA A 183 -1.76 26.26 -1.15
C ALA A 183 -1.10 26.56 0.20
N ASP A 184 -0.30 25.62 0.72
CA ASP A 184 0.41 25.77 1.98
C ASP A 184 1.74 25.02 1.91
N ASP A 185 2.69 25.38 2.78
CA ASP A 185 4.03 24.79 2.89
C ASP A 185 4.00 23.36 3.44
N LEU A 186 2.94 22.97 4.18
CA LEU A 186 2.83 21.65 4.81
C LEU A 186 2.41 20.51 3.85
N ALA A 187 1.37 20.74 3.04
CA ALA A 187 0.87 19.75 2.05
C ALA A 187 1.94 19.15 1.12
N PRO A 188 2.86 19.95 0.45
CA PRO A 188 3.90 19.31 -0.39
C PRO A 188 4.84 18.39 0.37
N LYS A 189 5.07 18.67 1.67
CA LYS A 189 5.95 17.87 2.53
C LYS A 189 5.33 16.52 2.84
N ILE A 190 4.03 16.51 3.22
CA ILE A 190 3.29 15.27 3.51
C ILE A 190 3.17 14.46 2.24
N TYR A 191 2.73 15.10 1.15
CA TYR A 191 2.59 14.42 -0.14
C TYR A 191 3.88 13.77 -0.64
N HIS A 192 4.99 14.54 -0.74
CA HIS A 192 6.26 14.03 -1.25
C HIS A 192 6.93 13.00 -0.34
N SER A 193 6.64 13.04 0.98
CA SER A 193 7.12 12.02 1.91
C SER A 193 6.35 10.71 1.65
N CYS A 194 5.01 10.83 1.44
CA CYS A 194 4.17 9.68 1.12
C CYS A 194 4.54 9.07 -0.23
N PHE A 195 4.75 9.91 -1.28
CA PHE A 195 5.14 9.45 -2.61
C PHE A 195 6.41 8.57 -2.52
N PHE A 196 7.45 9.07 -1.83
CA PHE A 196 8.72 8.38 -1.70
C PHE A 196 8.59 7.02 -0.98
N ILE A 197 7.88 7.00 0.16
CA ILE A 197 7.71 5.79 0.98
C ILE A 197 6.88 4.74 0.25
N VAL A 198 5.75 5.13 -0.36
CA VAL A 198 4.83 4.26 -1.06
C VAL A 198 5.40 3.72 -2.39
N THR A 199 6.02 4.57 -3.23
CA THR A 199 6.52 4.16 -4.55
C THR A 199 8.01 3.75 -4.57
N TYR A 200 8.78 4.05 -3.52
CA TYR A 200 10.21 3.70 -3.50
C TYR A 200 10.63 2.91 -2.25
N LEU A 201 10.73 3.54 -1.08
CA LEU A 201 11.29 2.95 0.12
C LEU A 201 10.60 1.70 0.66
N ALA A 202 9.29 1.75 0.97
CA ALA A 202 8.64 0.57 1.54
C ALA A 202 8.60 -0.64 0.56
N PRO A 203 8.19 -0.52 -0.74
CA PRO A 203 8.20 -1.71 -1.60
C PRO A 203 9.60 -2.29 -1.84
N LEU A 204 10.62 -1.46 -2.01
CA LEU A 204 11.99 -1.92 -2.23
C LEU A 204 12.66 -2.52 -1.00
N GLY A 205 12.41 -1.95 0.18
CA GLY A 205 12.89 -2.48 1.45
C GLY A 205 12.30 -3.86 1.67
N LEU A 206 10.97 -4.00 1.45
CA LEU A 206 10.25 -5.27 1.57
C LEU A 206 10.71 -6.30 0.53
N MET A 207 10.91 -5.88 -0.74
CA MET A 207 11.42 -6.72 -1.81
C MET A 207 12.83 -7.20 -1.49
N ALA A 208 13.70 -6.33 -0.95
CA ALA A 208 15.07 -6.71 -0.60
C ALA A 208 15.06 -7.86 0.41
N MET A 209 14.21 -7.75 1.44
CA MET A 209 14.06 -8.76 2.49
C MET A 209 13.45 -10.08 1.99
N ALA A 210 12.49 -9.99 1.04
CA ALA A 210 11.85 -11.15 0.40
C ALA A 210 12.89 -11.95 -0.38
N TYR A 211 13.73 -11.26 -1.18
CA TYR A 211 14.78 -11.86 -2.00
C TYR A 211 15.90 -12.43 -1.17
N PHE A 212 16.12 -11.89 0.02
CA PHE A 212 17.12 -12.41 0.93
C PHE A 212 16.63 -13.77 1.50
N GLN A 213 15.31 -13.92 1.73
CA GLN A 213 14.72 -15.18 2.22
C GLN A 213 14.67 -16.20 1.11
N ILE A 214 14.37 -15.76 -0.13
CA ILE A 214 14.35 -16.60 -1.33
C ILE A 214 15.76 -17.13 -1.54
N PHE A 215 16.77 -16.21 -1.49
CA PHE A 215 18.18 -16.52 -1.64
C PHE A 215 18.61 -17.61 -0.65
N ARG A 216 18.29 -17.41 0.65
CA ARG A 216 18.62 -18.36 1.72
C ARG A 216 18.03 -19.74 1.47
N LYS A 217 16.80 -19.80 0.92
CA LYS A 217 16.06 -21.02 0.62
C LYS A 217 16.64 -21.77 -0.60
N LEU A 218 16.76 -21.08 -1.75
CA LEU A 218 17.27 -21.66 -3.00
C LEU A 218 18.74 -22.07 -2.95
N TRP A 219 19.57 -21.30 -2.21
CA TRP A 219 21.00 -21.56 -2.13
C TRP A 219 21.44 -22.23 -0.83
N GLY A 220 20.50 -22.83 -0.12
CA GLY A 220 20.77 -23.62 1.07
C GLY A 220 20.32 -25.05 0.83
N ARG A 221 20.60 -25.96 1.81
CA ARG A 221 20.20 -27.37 1.80
C ARG A 221 20.44 -28.10 0.47
N ILE A 223 17.83 -30.69 1.98
CA ILE A 223 16.70 -31.60 2.17
C ILE A 223 16.90 -32.82 1.24
N PRO A 224 17.26 -34.00 1.80
CA PRO A 224 17.45 -35.18 0.93
C PRO A 224 16.09 -35.79 0.51
N GLY A 225 16.15 -36.67 -0.50
CA GLY A 225 14.97 -37.34 -1.02
C GLY A 225 14.00 -36.47 -1.82
N THR A 226 14.51 -35.41 -2.49
CA THR A 226 13.69 -34.56 -3.36
C THR A 226 13.70 -35.13 -4.77
N THR A 227 12.54 -35.10 -5.42
CA THR A 227 12.29 -35.64 -6.75
C THR A 227 12.96 -34.83 -7.87
N SER A 228 13.09 -35.47 -9.05
CA SER A 228 13.55 -34.93 -10.34
C SER A 228 12.85 -33.58 -10.66
N ALA A 229 11.50 -33.51 -10.52
CA ALA A 229 10.73 -32.30 -10.78
C ALA A 229 11.06 -31.19 -9.79
N GLU A 230 11.41 -31.57 -8.53
CA GLU A 230 11.79 -30.65 -7.45
C GLU A 230 13.19 -30.05 -7.71
N VAL A 231 14.19 -30.91 -8.02
CA VAL A 231 15.59 -30.54 -8.31
C VAL A 231 15.67 -29.62 -9.56
N LYS A 232 14.93 -29.98 -10.64
CA LYS A 232 14.88 -29.21 -11.90
C LYS A 232 14.25 -27.84 -11.69
N GLN A 233 13.13 -27.80 -10.93
CA GLN A 233 12.41 -26.56 -10.62
C GLN A 233 13.30 -25.61 -9.82
N MET A 234 14.13 -26.13 -8.87
CA MET A 234 15.05 -25.33 -8.07
C MET A 234 16.15 -24.66 -8.93
N ARG A 235 16.74 -25.42 -9.89
CA ARG A 235 17.78 -24.92 -10.81
C ARG A 235 17.21 -23.76 -11.65
N ALA A 236 15.97 -23.95 -12.13
CA ALA A 236 15.24 -22.97 -12.93
C ALA A 236 14.94 -21.73 -12.09
N ARG A 237 14.55 -21.95 -10.82
CA ARG A 237 14.21 -20.91 -9.85
C ARG A 237 15.42 -20.07 -9.47
N ARG A 238 16.61 -20.71 -9.33
CA ARG A 238 17.85 -20.01 -9.00
C ARG A 238 18.21 -19.01 -10.10
N LYS A 239 18.06 -19.44 -11.37
CA LYS A 239 18.32 -18.63 -12.56
C LYS A 239 17.37 -17.43 -12.61
N THR A 240 16.05 -17.65 -12.39
CA THR A 240 15.04 -16.59 -12.39
C THR A 240 15.22 -15.62 -11.23
N ALA A 241 15.43 -16.15 -9.98
CA ALA A 241 15.64 -15.33 -8.78
C ALA A 241 16.84 -14.41 -8.95
N LYS A 242 17.96 -14.94 -9.50
CA LYS A 242 19.17 -14.16 -9.78
C LYS A 242 18.82 -13.00 -10.72
N MET A 243 18.01 -13.26 -11.78
CA MET A 243 17.58 -12.23 -12.72
C MET A 243 16.71 -11.15 -12.07
N LEU A 244 15.72 -11.56 -11.27
CA LEU A 244 14.80 -10.66 -10.57
C LEU A 244 15.52 -9.79 -9.56
N MET A 245 16.54 -10.35 -8.85
CA MET A 245 17.35 -9.60 -7.91
C MET A 245 18.10 -8.45 -8.63
N VAL A 246 18.63 -8.72 -9.84
CA VAL A 246 19.32 -7.70 -10.65
C VAL A 246 18.31 -6.61 -11.12
N VAL A 247 17.09 -7.00 -11.56
CA VAL A 247 16.02 -6.08 -11.99
C VAL A 247 15.65 -5.12 -10.83
N VAL A 248 15.46 -5.67 -9.62
CA VAL A 248 15.11 -4.92 -8.41
C VAL A 248 16.24 -3.98 -8.02
N LEU A 249 17.50 -4.46 -8.03
CA LEU A 249 18.66 -3.62 -7.73
C LEU A 249 18.83 -2.48 -8.76
N VAL A 250 18.71 -2.78 -10.08
CA VAL A 250 18.82 -1.77 -11.15
C VAL A 250 17.68 -0.72 -11.02
N PHE A 251 16.45 -1.14 -10.62
CA PHE A 251 15.30 -0.24 -10.40
C PHE A 251 15.60 0.71 -9.23
N ALA A 252 16.10 0.15 -8.09
CA ALA A 252 16.52 0.87 -6.89
C ALA A 252 17.57 1.90 -7.23
N LEU A 253 18.58 1.56 -8.07
CA LEU A 253 19.63 2.50 -8.49
C LEU A 253 19.12 3.58 -9.44
N CYS A 254 18.27 3.25 -10.43
CA CYS A 254 17.72 4.21 -11.40
C CYS A 254 16.81 5.26 -10.81
N TYR A 255 16.01 4.88 -9.80
CA TYR A 255 15.03 5.75 -9.16
C TYR A 255 15.57 6.41 -7.90
N LEU A 256 16.78 6.04 -7.44
CA LEU A 256 17.34 6.66 -6.23
C LEU A 256 17.70 8.14 -6.43
N PRO A 257 18.42 8.59 -7.49
CA PRO A 257 18.73 10.04 -7.56
C PRO A 257 17.50 10.95 -7.63
N ILE A 258 16.46 10.60 -8.44
CA ILE A 258 15.26 11.46 -8.54
C ILE A 258 14.47 11.53 -7.19
N SER A 259 14.40 10.41 -6.44
CA SER A 259 13.77 10.27 -5.13
C SER A 259 14.45 11.16 -4.11
N VAL A 260 15.80 11.09 -4.04
CA VAL A 260 16.60 11.89 -3.14
C VAL A 260 16.39 13.37 -3.46
N LEU A 261 16.46 13.72 -4.77
CA LEU A 261 16.30 15.12 -5.20
C LEU A 261 14.91 15.66 -4.87
N ASN A 262 13.84 14.87 -5.12
CA ASN A 262 12.46 15.26 -4.82
C ASN A 262 12.21 15.46 -3.33
N VAL A 263 12.74 14.55 -2.48
CA VAL A 263 12.62 14.67 -1.02
C VAL A 263 13.41 15.92 -0.55
N LEU A 264 14.66 16.10 -1.02
CA LEU A 264 15.46 17.27 -0.63
C LEU A 264 14.80 18.61 -1.04
N LYS A 265 14.26 18.67 -2.26
CA LYS A 265 13.59 19.84 -2.78
C LYS A 265 12.24 20.12 -2.05
N ARG A 266 11.33 19.14 -1.99
CA ARG A 266 9.98 19.28 -1.47
C ARG A 266 9.76 19.09 0.03
N VAL A 267 10.58 18.28 0.70
CA VAL A 267 10.43 18.03 2.14
C VAL A 267 11.35 18.95 2.94
N PHE A 268 12.62 19.12 2.48
CA PHE A 268 13.64 19.87 3.20
C PHE A 268 13.96 21.24 2.58
N GLY A 269 13.13 21.69 1.64
CA GLY A 269 13.26 23.01 1.02
C GLY A 269 14.60 23.38 0.42
N MET A 270 15.28 22.42 -0.20
CA MET A 270 16.58 22.66 -0.82
C MET A 270 16.48 23.18 -2.26
N PHE A 271 17.64 23.55 -2.84
CA PHE A 271 17.88 24.01 -4.22
C PHE A 271 17.12 25.29 -4.68
N ARG A 272 16.67 26.15 -3.74
CA ARG A 272 15.96 27.40 -4.08
C ARG A 272 16.88 28.55 -4.49
N GLN A 273 18.20 28.43 -4.25
CA GLN A 273 19.18 29.47 -4.60
C GLN A 273 19.48 29.51 -6.09
N ALA A 274 19.45 30.73 -6.66
CA ALA A 274 19.70 31.02 -8.07
C ALA A 274 21.17 30.78 -8.45
N SER A 275 22.10 30.87 -7.49
CA SER A 275 23.53 30.61 -7.73
C SER A 275 23.76 29.13 -8.04
N ASP A 276 22.96 28.24 -7.44
CA ASP A 276 23.06 26.79 -7.61
C ASP A 276 22.27 26.15 -8.78
N ARG A 277 21.53 26.99 -9.52
CA ARG A 277 20.54 26.61 -10.58
C ARG A 277 21.13 25.75 -11.70
N GLU A 278 22.37 25.97 -12.09
CA GLU A 278 22.99 25.22 -13.19
C GLU A 278 23.31 23.80 -12.66
N ALA A 279 23.87 23.66 -11.43
CA ALA A 279 24.18 22.38 -10.77
C ALA A 279 22.91 21.59 -10.43
N VAL A 280 21.81 22.28 -10.07
CA VAL A 280 20.50 21.71 -9.75
C VAL A 280 19.88 21.11 -11.01
N TYR A 281 19.79 21.92 -12.09
CA TYR A 281 19.26 21.51 -13.39
C TYR A 281 20.02 20.31 -13.96
N ALA A 282 21.36 20.30 -13.89
CA ALA A 282 22.21 19.19 -14.33
C ALA A 282 21.82 17.89 -13.57
N ALA A 283 21.78 17.95 -12.22
CA ALA A 283 21.40 16.85 -11.33
C ALA A 283 19.99 16.33 -11.63
N PHE A 284 19.00 17.23 -11.83
CA PHE A 284 17.63 16.79 -12.16
C PHE A 284 17.52 16.24 -13.60
N THR A 285 18.28 16.83 -14.55
CA THR A 285 18.34 16.42 -15.96
C THR A 285 18.85 14.97 -16.08
N PHE A 286 19.94 14.65 -15.33
CA PHE A 286 20.56 13.33 -15.29
C PHE A 286 19.62 12.32 -14.61
N SER A 287 18.97 12.73 -13.50
CA SER A 287 18.03 11.93 -12.70
C SER A 287 16.79 11.55 -13.47
N HIS A 288 16.27 12.47 -14.31
CA HIS A 288 15.10 12.21 -15.15
C HIS A 288 15.51 11.21 -16.21
N TRP A 289 16.69 11.42 -16.85
CA TRP A 289 17.23 10.50 -17.86
C TRP A 289 17.38 9.09 -17.32
N LEU A 290 17.97 8.95 -16.10
CA LEU A 290 18.21 7.69 -15.42
C LEU A 290 16.95 6.86 -15.24
N VAL A 291 15.80 7.53 -14.96
CA VAL A 291 14.48 6.90 -14.79
C VAL A 291 14.08 6.23 -16.11
N TYR A 292 14.29 6.93 -17.24
CA TYR A 292 14.02 6.44 -18.59
C TYR A 292 15.01 5.36 -19.03
N ALA A 293 16.30 5.47 -18.60
CA ALA A 293 17.33 4.47 -18.88
C ALA A 293 16.88 3.12 -18.30
N ASN A 294 16.10 3.13 -17.19
CA ASN A 294 15.57 1.91 -16.58
C ASN A 294 14.72 1.09 -17.57
N SER A 295 13.84 1.76 -18.36
CA SER A 295 12.98 1.12 -19.37
C SER A 295 13.80 0.41 -20.46
N ALA A 296 14.97 0.97 -20.82
CA ALA A 296 15.93 0.40 -21.78
C ALA A 296 16.72 -0.75 -21.12
N ALA A 297 17.02 -0.65 -19.81
CA ALA A 297 17.80 -1.64 -19.06
C ALA A 297 17.14 -3.01 -18.91
N ASN A 298 15.87 -3.06 -18.47
CA ASN A 298 15.09 -4.28 -18.22
C ASN A 298 15.16 -5.31 -19.37
N PRO A 299 14.85 -5.02 -20.66
CA PRO A 299 15.02 -6.06 -21.70
C PRO A 299 16.48 -6.50 -21.87
N ILE A 300 17.45 -5.60 -21.70
CA ILE A 300 18.88 -5.93 -21.77
C ILE A 300 19.26 -6.90 -20.63
N ILE A 301 18.69 -6.71 -19.43
CA ILE A 301 18.91 -7.62 -18.30
C ILE A 301 18.36 -9.02 -18.64
N TYR A 302 17.14 -9.10 -19.19
CA TYR A 302 16.53 -10.38 -19.57
C TYR A 302 17.36 -11.10 -20.64
N ASN A 303 17.94 -10.35 -21.57
CA ASN A 303 18.78 -10.92 -22.62
C ASN A 303 19.99 -11.62 -22.00
N PHE A 304 20.65 -10.98 -21.03
CA PHE A 304 21.85 -11.54 -20.42
C PHE A 304 21.57 -12.54 -19.28
N LEU A 305 20.44 -12.42 -18.55
CA LEU A 305 20.19 -13.33 -17.43
C LEU A 305 19.03 -14.35 -17.62
N SER A 306 18.38 -14.34 -18.80
CA SER A 306 17.33 -15.31 -19.14
C SER A 306 17.64 -15.89 -20.49
N GLY A 307 17.95 -17.18 -20.50
CA GLY A 307 18.24 -17.90 -21.73
C GLY A 307 17.03 -17.99 -22.64
N LYS A 308 15.82 -18.04 -22.01
CA LYS A 308 14.53 -18.11 -22.70
C LYS A 308 14.26 -16.82 -23.49
N PHE A 309 14.48 -15.64 -22.86
CA PHE A 309 14.34 -14.33 -23.52
C PHE A 309 15.45 -14.15 -24.56
N ARG A 310 16.71 -14.48 -24.21
CA ARG A 310 17.85 -14.39 -25.12
C ARG A 310 17.60 -15.10 -26.44
N GLU A 311 17.07 -16.35 -26.39
CA GLU A 311 16.75 -17.19 -27.55
C GLU A 311 15.69 -16.49 -28.43
N GLN A 312 14.70 -15.83 -27.80
CA GLN A 312 13.64 -15.11 -28.48
C GLN A 312 14.18 -13.88 -29.19
N PHE A 313 14.99 -13.05 -28.48
CA PHE A 313 15.61 -11.83 -28.99
C PHE A 313 16.55 -12.17 -30.14
N LYS A 314 17.33 -13.27 -30.03
CA LYS A 314 18.25 -13.76 -31.08
C LYS A 314 17.47 -14.10 -32.36
N ALA A 315 16.28 -14.72 -32.21
CA ALA A 315 15.41 -15.08 -33.33
C ALA A 315 14.76 -13.85 -33.97
N ALA A 316 14.41 -12.84 -33.15
CA ALA A 316 13.81 -11.59 -33.62
C ALA A 316 14.80 -10.83 -34.50
N PHE A 317 16.06 -10.64 -34.03
CA PHE A 317 17.10 -9.93 -34.75
C PHE A 317 17.66 -10.72 -35.92
N SER A 318 17.53 -12.06 -35.90
CA SER A 318 17.95 -12.88 -37.06
C SER A 318 16.86 -12.83 -38.15
N TRP A 319 15.64 -12.35 -37.80
CA TRP A 319 14.52 -12.17 -38.72
C TRP A 319 14.42 -10.72 -39.24
N TRP A 320 14.15 -9.76 -38.32
CA TRP A 320 13.99 -8.33 -38.62
C TRP A 320 15.19 -7.71 -39.33
N LEU A 321 16.42 -8.03 -38.88
CA LEU A 321 17.67 -7.53 -39.45
C LEU A 321 18.58 -8.67 -39.88
N GLU B 6 3.52 13.42 44.63
CA GLU B 6 4.41 12.51 45.37
C GLU B 6 3.65 11.54 46.29
N PHE B 7 2.73 12.06 47.16
CA PHE B 7 1.90 11.21 48.03
C PHE B 7 0.95 10.42 47.15
N LEU B 8 0.30 11.12 46.18
CA LEU B 8 -0.63 10.56 45.21
C LEU B 8 0.09 9.59 44.25
N ARG B 9 1.41 9.78 44.04
CA ARG B 9 2.25 8.90 43.24
C ARG B 9 2.35 7.53 43.93
N TYR B 10 2.52 7.51 45.27
CA TYR B 10 2.60 6.27 46.05
C TYR B 10 1.20 5.68 46.23
N LEU B 11 0.16 6.55 46.35
CA LEU B 11 -1.23 6.13 46.48
C LEU B 11 -1.75 5.50 45.18
N TRP B 12 -1.40 6.09 44.04
CA TRP B 12 -1.80 5.51 42.73
C TRP B 12 -1.12 4.15 42.56
N ARG B 13 0.19 4.09 42.81
CA ARG B 13 0.98 2.84 42.67
C ARG B 13 0.54 1.75 43.64
N ASP B 14 0.24 2.11 44.90
CA ASP B 14 -0.09 1.07 45.91
C ASP B 14 -1.60 0.92 46.13
N TYR B 15 -2.43 1.88 45.72
CA TYR B 15 -3.87 1.64 46.00
C TYR B 15 -4.82 1.95 44.83
N LEU B 16 -4.81 3.17 44.32
CA LEU B 16 -5.80 3.61 43.31
C LEU B 16 -5.75 2.75 42.06
N TYR B 17 -4.56 2.39 41.58
CA TYR B 17 -4.48 1.53 40.41
C TYR B 17 -4.76 0.04 40.74
N PRO B 18 -3.97 -0.68 41.59
CA PRO B 18 -4.26 -2.12 41.82
C PRO B 18 -5.68 -2.47 42.32
N LYS B 19 -6.23 -1.66 43.24
CA LYS B 19 -7.53 -1.93 43.86
C LYS B 19 -8.73 -1.20 43.21
N GLN B 20 -8.50 -0.25 42.28
CA GLN B 20 -9.62 0.45 41.65
C GLN B 20 -9.58 0.52 40.12
N TYR B 21 -8.68 1.36 39.53
CA TYR B 21 -8.61 1.65 38.09
C TYR B 21 -8.15 0.49 37.17
N ALA B 22 -7.43 -0.53 37.68
CA ALA B 22 -7.08 -1.72 36.91
C ALA B 22 -8.35 -2.52 36.55
N TRP B 23 -9.37 -2.49 37.43
CA TRP B 23 -10.64 -3.17 37.21
C TRP B 23 -11.54 -2.42 36.23
N VAL B 24 -11.40 -1.08 36.16
CA VAL B 24 -12.15 -0.25 35.22
C VAL B 24 -11.62 -0.62 33.80
N LEU B 25 -10.28 -0.74 33.68
CA LEU B 25 -9.52 -1.16 32.51
C LEU B 25 -9.93 -2.57 32.04
N ILE B 26 -10.08 -3.51 33.00
CA ILE B 26 -10.53 -4.89 32.72
C ILE B 26 -11.96 -4.83 32.16
N ALA B 27 -12.89 -4.11 32.85
CA ALA B 27 -14.28 -3.96 32.42
C ALA B 27 -14.38 -3.34 31.01
N ALA B 28 -13.52 -2.32 30.69
CA ALA B 28 -13.48 -1.67 29.37
C ALA B 28 -13.09 -2.64 28.24
N TYR B 29 -12.02 -3.43 28.46
CA TYR B 29 -11.51 -4.43 27.52
C TYR B 29 -12.48 -5.60 27.35
N VAL B 30 -13.10 -6.08 28.46
CA VAL B 30 -14.08 -7.17 28.45
C VAL B 30 -15.35 -6.76 27.66
N ALA B 31 -15.86 -5.52 27.89
CA ALA B 31 -17.04 -5.01 27.19
C ALA B 31 -16.79 -5.00 25.67
N VAL B 32 -15.62 -4.50 25.25
CA VAL B 32 -15.18 -4.41 23.85
C VAL B 32 -15.00 -5.80 23.21
N PHE B 33 -14.41 -6.75 23.96
CA PHE B 33 -14.19 -8.14 23.54
C PHE B 33 -15.55 -8.81 23.23
N VAL B 34 -16.52 -8.71 24.18
CA VAL B 34 -17.87 -9.27 24.02
C VAL B 34 -18.61 -8.60 22.85
N VAL B 35 -18.72 -7.25 22.83
CA VAL B 35 -19.41 -6.49 21.76
C VAL B 35 -18.77 -6.77 20.37
N ALA B 36 -17.44 -6.73 20.26
CA ALA B 36 -16.74 -7.02 18.99
C ALA B 36 -16.95 -8.45 18.47
N LEU B 37 -16.95 -9.47 19.37
CA LEU B 37 -17.13 -10.86 18.92
C LEU B 37 -18.54 -11.12 18.45
N VAL B 38 -19.55 -10.70 19.25
CA VAL B 38 -20.96 -10.88 18.90
C VAL B 38 -21.28 -10.09 17.60
N GLY B 39 -20.97 -8.79 17.60
CA GLY B 39 -21.23 -7.89 16.48
C GLY B 39 -20.63 -8.33 15.17
N ASN B 40 -19.35 -8.74 15.18
CA ASN B 40 -18.67 -9.16 13.97
C ASN B 40 -19.09 -10.54 13.50
N THR B 41 -19.54 -11.42 14.41
CA THR B 41 -20.08 -12.72 14.04
C THR B 41 -21.40 -12.48 13.29
N LEU B 42 -22.25 -11.56 13.80
CA LEU B 42 -23.50 -11.19 13.18
C LEU B 42 -23.33 -10.61 11.77
N VAL B 43 -22.26 -9.82 11.53
CA VAL B 43 -21.96 -9.26 10.21
C VAL B 43 -21.69 -10.41 9.21
N CYS B 44 -20.81 -11.37 9.59
CA CYS B 44 -20.43 -12.51 8.76
C CYS B 44 -21.63 -13.38 8.47
N LEU B 45 -22.47 -13.66 9.49
CA LEU B 45 -23.65 -14.47 9.35
C LEU B 45 -24.72 -13.83 8.43
N ALA B 46 -24.98 -12.51 8.57
CA ALA B 46 -25.94 -11.75 7.75
C ALA B 46 -25.65 -11.84 6.24
N VAL B 47 -24.39 -11.64 5.87
CA VAL B 47 -23.94 -11.66 4.48
C VAL B 47 -23.92 -13.09 3.94
N TRP B 48 -23.45 -14.03 4.77
CA TRP B 48 -23.34 -15.44 4.40
C TRP B 48 -24.71 -16.08 4.18
N ARG B 49 -25.65 -15.86 5.11
CA ARG B 49 -26.99 -16.43 5.06
C ARG B 49 -27.98 -15.76 4.09
N ASN B 50 -27.77 -14.50 3.69
CA ASN B 50 -28.70 -13.79 2.81
C ASN B 50 -28.12 -13.38 1.50
N HIS B 51 -28.73 -13.84 0.42
CA HIS B 51 -28.35 -13.55 -0.95
C HIS B 51 -28.35 -12.04 -1.28
N HIS B 52 -29.40 -11.31 -0.83
CA HIS B 52 -29.57 -9.86 -1.02
C HIS B 52 -28.43 -9.02 -0.36
N MET B 53 -27.71 -9.61 0.64
CA MET B 53 -26.60 -8.98 1.37
C MET B 53 -25.24 -9.16 0.69
N ARG B 54 -25.15 -10.07 -0.30
CA ARG B 54 -23.91 -10.41 -0.99
C ARG B 54 -23.48 -9.36 -2.04
N THR B 55 -23.33 -8.09 -1.61
CA THR B 55 -22.86 -6.99 -2.47
C THR B 55 -21.35 -6.91 -2.34
N VAL B 56 -20.65 -6.31 -3.32
CA VAL B 56 -19.17 -6.12 -3.29
C VAL B 56 -18.72 -5.46 -1.96
N THR B 57 -19.40 -4.37 -1.55
CA THR B 57 -19.12 -3.66 -0.30
C THR B 57 -19.25 -4.58 0.90
N ASN B 58 -20.32 -5.41 0.95
CA ASN B 58 -20.57 -6.32 2.07
C ASN B 58 -19.57 -7.47 2.14
N TYR B 59 -18.98 -7.88 0.99
CA TYR B 59 -17.93 -8.89 0.96
C TYR B 59 -16.70 -8.30 1.65
N PHE B 60 -16.39 -7.04 1.32
CA PHE B 60 -15.27 -6.33 1.95
C PHE B 60 -15.54 -6.03 3.43
N LEU B 61 -16.81 -5.75 3.82
CA LEU B 61 -17.18 -5.52 5.24
C LEU B 61 -17.02 -6.80 6.06
N VAL B 62 -17.28 -7.99 5.44
CA VAL B 62 -17.07 -9.28 6.10
C VAL B 62 -15.57 -9.45 6.35
N ASN B 63 -14.73 -9.07 5.35
CA ASN B 63 -13.28 -9.15 5.48
C ASN B 63 -12.74 -8.26 6.59
N LEU B 64 -13.33 -7.06 6.72
CA LEU B 64 -13.00 -6.14 7.79
C LEU B 64 -13.37 -6.78 9.14
N SER B 65 -14.52 -7.50 9.21
CA SER B 65 -14.94 -8.22 10.42
C SER B 65 -14.01 -9.37 10.75
N LEU B 66 -13.42 -10.03 9.73
CA LEU B 66 -12.46 -11.14 9.94
C LEU B 66 -11.15 -10.59 10.50
N ALA B 67 -10.70 -9.42 10.01
CA ALA B 67 -9.52 -8.74 10.51
C ALA B 67 -9.73 -8.33 11.98
N ASP B 68 -10.91 -7.79 12.27
CA ASP B 68 -11.31 -7.33 13.59
C ASP B 68 -11.53 -8.48 14.58
N VAL B 69 -11.97 -9.67 14.12
CA VAL B 69 -12.11 -10.86 14.98
C VAL B 69 -10.71 -11.44 15.27
N LEU B 70 -9.79 -11.36 14.31
CA LEU B 70 -8.41 -11.81 14.50
C LEU B 70 -7.76 -11.02 15.65
N ALA B 71 -7.92 -9.68 15.65
CA ALA B 71 -7.40 -8.77 16.67
C ALA B 71 -8.12 -8.97 18.01
N THR B 72 -9.47 -9.07 17.99
CA THR B 72 -10.31 -9.26 19.18
C THR B 72 -10.01 -10.58 19.89
N ALA B 73 -9.99 -11.69 19.14
CA ALA B 73 -9.80 -13.01 19.73
C ALA B 73 -8.40 -13.26 20.29
N ILE B 74 -7.35 -12.90 19.54
CA ILE B 74 -5.98 -13.24 19.92
C ILE B 74 -5.21 -12.06 20.53
N CYS B 75 -5.21 -10.89 19.90
CA CYS B 75 -4.42 -9.75 20.37
C CYS B 75 -5.04 -8.99 21.55
N LEU B 76 -6.36 -8.78 21.58
CA LEU B 76 -7.03 -8.06 22.67
C LEU B 76 -6.70 -8.66 24.08
N PRO B 77 -6.85 -10.00 24.33
CA PRO B 77 -6.53 -10.51 25.69
C PRO B 77 -5.07 -10.29 26.09
N ALA B 78 -4.12 -10.41 25.12
CA ALA B 78 -2.69 -10.23 25.34
C ALA B 78 -2.36 -8.79 25.69
N SER B 79 -3.00 -7.82 25.00
CA SER B 79 -2.86 -6.38 25.24
C SER B 79 -3.44 -5.98 26.60
N LEU B 80 -4.53 -6.63 27.05
CA LEU B 80 -5.12 -6.36 28.36
C LEU B 80 -4.14 -6.79 29.47
N LEU B 81 -3.50 -7.96 29.30
CA LEU B 81 -2.54 -8.49 30.24
C LEU B 81 -1.25 -7.66 30.29
N VAL B 82 -0.78 -7.16 29.14
CA VAL B 82 0.40 -6.30 29.08
C VAL B 82 0.07 -4.94 29.70
N ASP B 83 -1.11 -4.36 29.41
CA ASP B 83 -1.50 -3.07 29.97
C ASP B 83 -1.71 -3.13 31.49
N ILE B 84 -2.17 -4.26 32.03
CA ILE B 84 -2.33 -4.42 33.49
C ILE B 84 -1.00 -4.73 34.18
N THR B 85 -0.31 -5.79 33.76
CA THR B 85 0.89 -6.28 34.44
C THR B 85 2.20 -5.62 34.01
N GLU B 86 2.25 -5.03 32.81
CA GLU B 86 3.45 -4.40 32.24
C GLU B 86 4.48 -5.49 31.85
N SER B 87 4.07 -6.78 31.91
CA SER B 87 4.90 -7.93 31.57
C SER B 87 4.29 -8.87 30.52
N TRP B 88 5.15 -9.74 29.92
CA TRP B 88 4.78 -10.73 28.91
C TRP B 88 4.65 -12.11 29.55
N LEU B 89 3.42 -12.65 29.56
CA LEU B 89 3.10 -13.94 30.18
C LEU B 89 2.78 -15.06 29.20
N PHE B 90 3.13 -14.93 27.90
CA PHE B 90 2.77 -15.91 26.86
C PHE B 90 3.94 -16.67 26.18
N GLY B 91 5.16 -16.47 26.67
CA GLY B 91 6.33 -17.15 26.13
C GLY B 91 6.94 -16.48 24.91
N HIS B 92 8.12 -17.00 24.51
CA HIS B 92 8.96 -16.53 23.41
C HIS B 92 8.28 -16.56 22.03
N ALA B 93 7.64 -17.70 21.66
CA ALA B 93 6.98 -17.87 20.37
C ALA B 93 5.85 -16.87 20.16
N LEU B 94 4.96 -16.74 21.18
CA LEU B 94 3.83 -15.82 21.13
C LEU B 94 4.23 -14.36 21.17
N CYS B 95 5.47 -14.07 21.62
CA CYS B 95 6.03 -12.72 21.61
C CYS B 95 6.22 -12.23 20.14
N LYS B 96 6.45 -13.16 19.19
CA LYS B 96 6.59 -12.86 17.79
C LYS B 96 5.23 -12.87 17.08
N VAL B 97 4.44 -13.92 17.29
CA VAL B 97 3.14 -14.20 16.68
C VAL B 97 2.06 -13.12 16.98
N ILE B 98 1.77 -12.81 18.28
CA ILE B 98 0.71 -11.86 18.66
C ILE B 98 0.99 -10.43 18.10
N PRO B 99 2.18 -9.79 18.29
CA PRO B 99 2.43 -8.48 17.63
C PRO B 99 2.30 -8.55 16.10
N TYR B 100 2.75 -9.65 15.49
CA TYR B 100 2.64 -9.90 14.06
C TYR B 100 1.15 -9.93 13.62
N LEU B 101 0.31 -10.73 14.30
CA LEU B 101 -1.11 -10.83 14.01
C LEU B 101 -1.86 -9.51 14.15
N GLN B 102 -1.44 -8.64 15.09
CA GLN B 102 -2.00 -7.31 15.29
C GLN B 102 -1.63 -6.43 14.09
N ALA B 103 -0.38 -6.47 13.66
CA ALA B 103 0.08 -5.73 12.49
C ALA B 103 -0.69 -6.22 11.23
N VAL B 104 -0.90 -7.55 11.09
CA VAL B 104 -1.65 -8.16 9.97
C VAL B 104 -3.11 -7.63 9.93
N SER B 105 -3.77 -7.63 11.08
CA SER B 105 -5.13 -7.15 11.28
C SER B 105 -5.33 -5.68 10.80
N VAL B 106 -4.40 -4.76 11.13
CA VAL B 106 -4.44 -3.35 10.75
C VAL B 106 -4.28 -3.21 9.23
N SER B 107 -3.33 -3.97 8.65
CA SER B 107 -3.05 -3.98 7.23
C SER B 107 -4.29 -4.50 6.47
N VAL B 108 -4.91 -5.60 6.96
CA VAL B 108 -6.12 -6.15 6.36
C VAL B 108 -7.26 -5.13 6.45
N ALA B 109 -7.48 -4.54 7.66
CA ALA B 109 -8.50 -3.55 7.95
C ALA B 109 -8.41 -2.30 7.03
N VAL B 110 -7.21 -1.75 6.88
CA VAL B 110 -6.96 -0.53 6.08
C VAL B 110 -6.94 -0.83 4.56
N LEU B 111 -6.41 -1.99 4.12
CA LEU B 111 -6.46 -2.33 2.68
C LEU B 111 -7.89 -2.66 2.26
N THR B 112 -8.68 -3.28 3.16
CA THR B 112 -10.10 -3.57 2.93
C THR B 112 -10.86 -2.24 2.73
N LEU B 113 -10.71 -1.29 3.66
CA LEU B 113 -11.34 0.04 3.54
C LEU B 113 -10.90 0.77 2.26
N SER B 114 -9.61 0.67 1.90
CA SER B 114 -9.03 1.24 0.68
C SER B 114 -9.72 0.67 -0.59
N PHE B 115 -9.90 -0.66 -0.64
CA PHE B 115 -10.53 -1.37 -1.75
C PHE B 115 -12.03 -1.06 -1.90
N ILE B 116 -12.73 -0.80 -0.79
CA ILE B 116 -14.15 -0.38 -0.80
C ILE B 116 -14.22 1.02 -1.46
N ALA B 117 -13.34 1.95 -1.03
CA ALA B 117 -13.22 3.31 -1.53
C ALA B 117 -12.92 3.29 -3.03
N LEU B 118 -11.98 2.44 -3.43
CA LEU B 118 -11.58 2.25 -4.82
C LEU B 118 -12.77 1.77 -5.67
N ASP B 119 -13.52 0.81 -5.14
CA ASP B 119 -14.69 0.24 -5.80
C ASP B 119 -15.78 1.31 -5.99
N ARG B 120 -16.12 2.04 -4.93
CA ARG B 120 -17.14 3.08 -4.93
C ARG B 120 -16.75 4.25 -5.80
N TRP B 121 -15.48 4.67 -5.74
CA TRP B 121 -14.95 5.76 -6.54
C TRP B 121 -15.04 5.43 -8.02
N TYR B 122 -14.69 4.19 -8.40
CA TYR B 122 -14.82 3.78 -9.80
C TYR B 122 -16.28 3.66 -10.18
N ALA B 123 -17.10 2.93 -9.40
CA ALA B 123 -18.53 2.77 -9.72
C ALA B 123 -19.28 4.11 -9.88
N ILE B 124 -19.00 5.09 -8.99
CA ILE B 124 -19.69 6.39 -8.96
C ILE B 124 -19.04 7.48 -9.83
N CYS B 125 -17.72 7.72 -9.68
CA CYS B 125 -17.05 8.81 -10.40
C CYS B 125 -16.54 8.44 -11.81
N HIS B 126 -16.20 7.17 -12.07
CA HIS B 126 -15.66 6.68 -13.34
C HIS B 126 -16.33 5.34 -13.73
N PRO B 127 -17.66 5.37 -14.04
CA PRO B 127 -18.42 4.12 -14.22
C PRO B 127 -18.02 3.09 -15.28
N LEU B 128 -17.34 3.49 -16.36
CA LEU B 128 -17.13 2.53 -17.46
C LEU B 128 -15.75 1.85 -17.54
N LEU B 129 -14.88 2.05 -16.55
CA LEU B 129 -13.51 1.56 -16.61
C LEU B 129 -13.31 0.12 -16.16
N PHE B 130 -13.57 -0.18 -14.88
CA PHE B 130 -13.39 -1.52 -14.33
C PHE B 130 -14.73 -2.11 -13.91
N LYS B 131 -14.84 -3.46 -13.96
CA LYS B 131 -16.06 -4.18 -13.58
C LYS B 131 -15.98 -4.54 -12.09
N SER B 132 -17.05 -4.23 -11.34
CA SER B 132 -17.19 -4.46 -9.90
C SER B 132 -18.06 -5.71 -9.66
N THR B 133 -17.42 -6.87 -9.44
CA THR B 133 -18.15 -8.12 -9.19
C THR B 133 -17.75 -8.71 -7.85
N ALA B 134 -18.60 -9.59 -7.29
CA ALA B 134 -18.36 -10.31 -6.04
C ALA B 134 -17.14 -11.26 -6.13
N ARG B 135 -16.94 -11.94 -7.28
CA ARG B 135 -15.80 -12.84 -7.54
C ARG B 135 -14.49 -12.05 -7.60
N ARG B 136 -14.53 -10.83 -8.18
CA ARG B 136 -13.36 -9.98 -8.22
C ARG B 136 -13.09 -9.43 -6.80
N ALA B 137 -14.16 -9.21 -5.98
CA ALA B 137 -14.04 -8.76 -4.59
C ALA B 137 -13.40 -9.86 -3.75
N LEU B 138 -13.74 -11.15 -3.99
CA LEU B 138 -13.13 -12.29 -3.31
C LEU B 138 -11.63 -12.46 -3.72
N GLY B 139 -11.32 -12.18 -4.98
CA GLY B 139 -9.96 -12.21 -5.48
C GLY B 139 -9.12 -11.14 -4.80
N SER B 140 -9.69 -9.91 -4.64
CA SER B 140 -9.07 -8.78 -3.94
C SER B 140 -8.85 -9.11 -2.47
N ILE B 141 -9.84 -9.75 -1.81
CA ILE B 141 -9.78 -10.16 -0.39
C ILE B 141 -8.58 -11.14 -0.13
N LEU B 142 -8.33 -12.10 -1.04
CA LEU B 142 -7.21 -13.02 -0.94
C LEU B 142 -5.90 -12.28 -1.08
N GLY B 143 -5.83 -11.35 -2.04
CA GLY B 143 -4.66 -10.50 -2.28
C GLY B 143 -4.34 -9.63 -1.09
N ILE B 144 -5.37 -9.10 -0.41
CA ILE B 144 -5.23 -8.29 0.81
C ILE B 144 -4.52 -9.10 1.92
N TRP B 145 -4.93 -10.35 2.15
CA TRP B 145 -4.34 -11.26 3.15
C TRP B 145 -2.93 -11.69 2.75
N ALA B 146 -2.69 -11.99 1.46
CA ALA B 146 -1.39 -12.40 0.93
C ALA B 146 -0.37 -11.28 1.18
N VAL B 147 -0.72 -10.03 0.78
CA VAL B 147 0.10 -8.83 0.99
C VAL B 147 0.35 -8.59 2.49
N SER B 148 -0.72 -8.53 3.29
CA SER B 148 -0.67 -8.25 4.74
C SER B 148 0.17 -9.26 5.53
N LEU B 149 0.04 -10.57 5.20
CA LEU B 149 0.79 -11.60 5.90
C LEU B 149 2.28 -11.52 5.60
N ALA B 150 2.63 -11.08 4.40
CA ALA B 150 4.02 -10.95 3.97
C ALA B 150 4.70 -9.68 4.51
N ILE B 151 4.09 -8.49 4.27
CA ILE B 151 4.66 -7.18 4.64
C ILE B 151 4.83 -7.03 6.17
N MET B 152 4.11 -7.83 6.97
CA MET B 152 4.24 -7.76 8.44
C MET B 152 5.22 -8.77 9.03
N VAL B 153 5.92 -9.57 8.19
CA VAL B 153 6.98 -10.49 8.65
C VAL B 153 8.12 -9.68 9.37
N PRO B 154 8.58 -8.47 8.88
CA PRO B 154 9.61 -7.72 9.66
C PRO B 154 9.23 -7.43 11.12
N GLN B 155 7.93 -7.23 11.43
CA GLN B 155 7.42 -7.02 12.79
C GLN B 155 7.68 -8.26 13.66
N ALA B 156 7.37 -9.46 13.13
CA ALA B 156 7.60 -10.73 13.83
C ALA B 156 9.11 -10.94 14.08
N ALA B 157 9.95 -10.56 13.09
CA ALA B 157 11.42 -10.67 13.12
C ALA B 157 12.08 -9.85 14.22
N VAL B 158 11.61 -8.61 14.48
CA VAL B 158 12.20 -7.71 15.50
C VAL B 158 11.74 -8.03 16.94
N MET B 159 10.59 -8.71 17.13
CA MET B 159 10.08 -9.01 18.47
C MET B 159 11.00 -9.93 19.23
N GLU B 160 11.39 -9.50 20.42
CA GLU B 160 12.27 -10.24 21.33
C GLU B 160 11.60 -10.31 22.70
N CYS B 161 11.78 -11.44 23.39
CA CYS B 161 11.27 -11.64 24.74
C CYS B 161 12.47 -11.82 25.66
N SER B 162 12.56 -10.98 26.69
CA SER B 162 13.67 -11.03 27.64
C SER B 162 13.20 -10.71 29.05
N SER B 163 13.76 -11.42 30.06
CA SER B 163 13.41 -11.23 31.47
C SER B 163 14.35 -10.23 32.14
N PHE B 175 9.67 -10.95 36.10
CA PHE B 175 8.90 -11.30 34.92
C PHE B 175 9.51 -10.81 33.58
N SER B 176 9.08 -11.41 32.44
CA SER B 176 9.55 -11.13 31.08
C SER B 176 8.93 -9.89 30.42
N VAL B 177 9.63 -9.31 29.43
CA VAL B 177 9.16 -8.17 28.63
C VAL B 177 9.22 -8.54 27.13
N CYS B 178 8.13 -8.28 26.38
CA CYS B 178 8.11 -8.50 24.93
C CYS B 178 8.28 -7.13 24.28
N ASP B 179 9.34 -6.94 23.49
CA ASP B 179 9.57 -5.67 22.80
C ASP B 179 10.39 -5.85 21.52
N GLU B 180 10.50 -4.80 20.70
CA GLU B 180 11.25 -4.81 19.46
C GLU B 180 12.72 -4.65 19.78
N ARG B 181 13.53 -5.54 19.20
CA ARG B 181 14.99 -5.50 19.38
C ARG B 181 15.58 -4.88 18.12
N TRP B 182 16.16 -3.69 18.26
CA TRP B 182 16.76 -2.96 17.13
C TRP B 182 18.25 -2.89 17.32
N ALA B 183 19.03 -3.20 16.26
CA ALA B 183 20.50 -3.17 16.34
C ALA B 183 21.10 -1.76 16.25
N ASP B 184 20.33 -0.80 15.76
CA ASP B 184 20.77 0.60 15.66
C ASP B 184 19.57 1.53 15.85
N ASP B 185 19.83 2.79 16.19
CA ASP B 185 18.77 3.78 16.43
C ASP B 185 18.08 4.30 15.17
N LEU B 186 18.67 4.10 13.96
CA LEU B 186 18.07 4.56 12.70
C LEU B 186 16.98 3.60 12.11
N ALA B 187 17.23 2.27 12.16
CA ALA B 187 16.28 1.24 11.68
C ALA B 187 14.86 1.40 12.28
N PRO B 188 14.65 1.57 13.63
CA PRO B 188 13.28 1.78 14.16
C PRO B 188 12.60 3.04 13.62
N LYS B 189 13.38 4.08 13.28
CA LYS B 189 12.85 5.34 12.75
C LYS B 189 12.33 5.17 11.35
N ILE B 190 13.11 4.49 10.46
CA ILE B 190 12.71 4.21 9.08
C ILE B 190 11.50 3.27 9.11
N TYR B 191 11.59 2.17 9.87
CA TYR B 191 10.49 1.22 9.98
C TYR B 191 9.17 1.85 10.47
N HIS B 192 9.17 2.56 11.61
CA HIS B 192 7.97 3.15 12.18
C HIS B 192 7.41 4.31 11.36
N SER B 193 8.25 4.98 10.55
CA SER B 193 7.79 6.01 9.63
C SER B 193 7.04 5.32 8.47
N CYS B 194 7.60 4.20 7.98
CA CYS B 194 6.98 3.42 6.92
C CYS B 194 5.65 2.80 7.38
N PHE B 195 5.62 2.20 8.59
CA PHE B 195 4.42 1.62 9.17
C PHE B 195 3.26 2.65 9.19
N PHE B 196 3.54 3.85 9.71
CA PHE B 196 2.54 4.92 9.81
C PHE B 196 1.98 5.36 8.45
N ILE B 197 2.88 5.61 7.48
CA ILE B 197 2.51 6.10 6.13
C ILE B 197 1.71 5.05 5.36
N VAL B 198 2.19 3.79 5.37
CA VAL B 198 1.58 2.68 4.66
C VAL B 198 0.22 2.22 5.27
N THR B 199 0.14 2.06 6.60
CA THR B 199 -1.07 1.57 7.26
C THR B 199 -2.04 2.65 7.77
N TYR B 200 -1.61 3.93 7.83
CA TYR B 200 -2.47 4.99 8.31
C TYR B 200 -2.59 6.18 7.33
N LEU B 201 -1.56 7.01 7.23
CA LEU B 201 -1.61 8.27 6.50
C LEU B 201 -1.92 8.19 5.00
N ALA B 202 -1.16 7.42 4.19
CA ALA B 202 -1.43 7.37 2.75
C ALA B 202 -2.81 6.75 2.41
N PRO B 203 -3.22 5.57 2.95
CA PRO B 203 -4.56 5.06 2.59
C PRO B 203 -5.71 5.94 3.04
N LEU B 204 -5.64 6.53 4.23
CA LEU B 204 -6.70 7.41 4.74
C LEU B 204 -6.78 8.77 4.03
N GLY B 205 -5.62 9.36 3.67
CA GLY B 205 -5.55 10.60 2.92
C GLY B 205 -6.19 10.38 1.56
N LEU B 206 -5.84 9.25 0.89
CA LEU B 206 -6.41 8.86 -0.41
C LEU B 206 -7.92 8.57 -0.33
N MET B 207 -8.35 7.85 0.72
CA MET B 207 -9.75 7.53 0.97
C MET B 207 -10.55 8.81 1.23
N ALA B 208 -9.99 9.76 2.00
CA ALA B 208 -10.66 11.03 2.28
C ALA B 208 -10.99 11.76 0.98
N MET B 209 -10.01 11.82 0.05
CA MET B 209 -10.15 12.47 -1.27
C MET B 209 -11.14 11.74 -2.17
N ALA B 210 -11.16 10.39 -2.12
CA ALA B 210 -12.09 9.56 -2.89
C ALA B 210 -13.53 9.83 -2.48
N TYR B 211 -13.77 9.87 -1.14
CA TYR B 211 -15.09 10.11 -0.56
C TYR B 211 -15.57 11.52 -0.78
N PHE B 212 -14.65 12.46 -0.92
CA PHE B 212 -14.97 13.85 -1.23
C PHE B 212 -15.48 13.95 -2.68
N GLN B 213 -14.91 13.15 -3.60
CA GLN B 213 -15.34 13.12 -4.99
C GLN B 213 -16.68 12.39 -5.13
N ILE B 214 -16.86 11.30 -4.36
CA ILE B 214 -18.09 10.52 -4.31
C ILE B 214 -19.20 11.44 -3.79
N PHE B 215 -18.90 12.17 -2.69
CA PHE B 215 -19.82 13.12 -2.04
C PHE B 215 -20.28 14.17 -3.05
N ARG B 216 -19.33 14.81 -3.77
CA ARG B 216 -19.62 15.84 -4.77
C ARG B 216 -20.52 15.30 -5.88
N LYS B 217 -20.34 14.03 -6.28
CA LYS B 217 -21.09 13.36 -7.33
C LYS B 217 -22.52 13.03 -6.89
N LEU B 218 -22.68 12.30 -5.78
CA LEU B 218 -23.97 11.86 -5.23
C LEU B 218 -24.84 13.00 -4.73
N TRP B 219 -24.24 14.05 -4.15
CA TRP B 219 -24.97 15.18 -3.58
C TRP B 219 -24.95 16.44 -4.47
N GLY B 220 -24.51 16.28 -5.73
CA GLY B 220 -24.45 17.36 -6.72
C GLY B 220 -25.80 17.72 -7.31
N GLY B 225 -30.91 14.09 -13.00
CA GLY B 225 -32.30 14.23 -13.43
C GLY B 225 -33.20 13.14 -12.90
N THR B 226 -34.34 12.88 -13.60
CA THR B 226 -35.26 11.82 -13.19
C THR B 226 -35.25 10.67 -14.23
N THR B 227 -34.96 9.46 -13.74
CA THR B 227 -34.88 8.14 -14.42
C THR B 227 -35.02 7.15 -13.24
N SER B 228 -36.16 6.42 -13.12
CA SER B 228 -36.50 5.60 -11.95
C SER B 228 -35.37 4.74 -11.40
N ALA B 229 -34.75 3.88 -12.24
CA ALA B 229 -33.65 3.02 -11.82
C ALA B 229 -32.41 3.70 -11.24
N GLU B 230 -31.97 4.85 -11.82
CA GLU B 230 -30.81 5.65 -11.40
C GLU B 230 -31.06 6.66 -10.25
N VAL B 231 -32.33 7.12 -10.17
CA VAL B 231 -32.83 7.99 -9.08
C VAL B 231 -32.80 7.08 -7.85
N LYS B 232 -33.34 5.84 -7.95
CA LYS B 232 -33.36 4.85 -6.86
C LYS B 232 -31.96 4.39 -6.50
N GLN B 233 -31.10 4.11 -7.51
CA GLN B 233 -29.70 3.70 -7.31
C GLN B 233 -28.93 4.78 -6.55
N MET B 234 -29.16 6.06 -6.89
CA MET B 234 -28.50 7.20 -6.25
C MET B 234 -28.88 7.34 -4.77
N ARG B 235 -30.19 7.18 -4.42
CA ARG B 235 -30.71 7.23 -3.04
C ARG B 235 -30.05 6.14 -2.21
N ALA B 236 -29.92 4.93 -2.79
CA ALA B 236 -29.32 3.75 -2.17
C ALA B 236 -27.84 4.01 -1.95
N ARG B 237 -27.18 4.63 -2.95
CA ARG B 237 -25.76 4.95 -2.93
C ARG B 237 -25.43 6.01 -1.89
N ARG B 238 -26.32 7.03 -1.73
CA ARG B 238 -26.13 8.11 -0.74
C ARG B 238 -26.13 7.53 0.66
N LYS B 239 -27.04 6.57 0.94
CA LYS B 239 -27.17 5.87 2.22
C LYS B 239 -25.93 5.05 2.52
N THR B 240 -25.42 4.27 1.53
CA THR B 240 -24.21 3.45 1.69
C THR B 240 -22.94 4.31 1.84
N ALA B 241 -22.77 5.35 0.98
CA ALA B 241 -21.63 6.27 1.00
C ALA B 241 -21.55 6.97 2.36
N LYS B 242 -22.71 7.43 2.91
CA LYS B 242 -22.79 8.08 4.22
C LYS B 242 -22.30 7.09 5.28
N MET B 243 -22.70 5.80 5.20
CA MET B 243 -22.26 4.76 6.14
C MET B 243 -20.74 4.53 6.07
N LEU B 244 -20.20 4.38 4.85
CA LEU B 244 -18.76 4.16 4.60
C LEU B 244 -17.90 5.32 5.07
N MET B 245 -18.37 6.57 4.86
CA MET B 245 -17.70 7.78 5.32
C MET B 245 -17.58 7.76 6.85
N VAL B 246 -18.64 7.34 7.58
CA VAL B 246 -18.62 7.24 9.04
C VAL B 246 -17.61 6.15 9.48
N VAL B 247 -17.59 4.97 8.81
CA VAL B 247 -16.65 3.88 9.10
C VAL B 247 -15.19 4.37 8.95
N VAL B 248 -14.88 5.08 7.84
CA VAL B 248 -13.56 5.62 7.54
C VAL B 248 -13.15 6.67 8.58
N LEU B 249 -14.08 7.59 8.91
CA LEU B 249 -13.83 8.61 9.93
C LEU B 249 -13.60 8.00 11.33
N VAL B 250 -14.43 7.02 11.75
CA VAL B 250 -14.29 6.33 13.04
C VAL B 250 -12.94 5.55 13.08
N PHE B 251 -12.49 4.96 11.95
CA PHE B 251 -11.22 4.22 11.84
C PHE B 251 -10.04 5.21 12.04
N ALA B 252 -10.09 6.36 11.33
CA ALA B 252 -9.11 7.44 11.40
C ALA B 252 -9.01 7.94 12.84
N LEU B 253 -10.15 8.13 13.56
CA LEU B 253 -10.13 8.57 14.97
C LEU B 253 -9.60 7.51 15.93
N CYS B 254 -9.99 6.21 15.77
CA CYS B 254 -9.54 5.10 16.64
C CYS B 254 -8.06 4.81 16.57
N TYR B 255 -7.48 4.93 15.38
CA TYR B 255 -6.07 4.61 15.13
C TYR B 255 -5.16 5.83 15.21
N LEU B 256 -5.73 7.06 15.34
CA LEU B 256 -4.91 8.26 15.43
C LEU B 256 -4.08 8.32 16.73
N PRO B 257 -4.61 8.10 17.97
CA PRO B 257 -3.73 8.22 19.14
C PRO B 257 -2.57 7.24 19.14
N ILE B 258 -2.77 5.93 18.78
CA ILE B 258 -1.68 4.95 18.79
C ILE B 258 -0.57 5.30 17.76
N SER B 259 -0.97 5.81 16.58
CA SER B 259 -0.11 6.24 15.48
C SER B 259 0.77 7.40 15.92
N VAL B 260 0.16 8.43 16.53
CA VAL B 260 0.86 9.60 17.04
C VAL B 260 1.85 9.16 18.11
N LEU B 261 1.40 8.32 19.05
CA LEU B 261 2.26 7.85 20.15
C LEU B 261 3.45 7.04 19.65
N ASN B 262 3.21 6.12 18.67
CA ASN B 262 4.27 5.29 18.07
C ASN B 262 5.29 6.11 17.31
N VAL B 263 4.83 7.12 16.53
CA VAL B 263 5.73 8.02 15.81
C VAL B 263 6.54 8.86 16.80
N LEU B 264 5.88 9.45 17.82
CA LEU B 264 6.59 10.25 18.83
C LEU B 264 7.64 9.44 19.60
N LYS B 265 7.29 8.22 20.01
CA LYS B 265 8.18 7.32 20.73
C LYS B 265 9.35 6.81 19.84
N ARG B 266 9.05 6.22 18.67
CA ARG B 266 10.02 5.56 17.80
C ARG B 266 10.73 6.41 16.78
N VAL B 267 10.13 7.51 16.28
CA VAL B 267 10.77 8.39 15.28
C VAL B 267 11.45 9.59 15.95
N PHE B 268 10.78 10.19 16.96
CA PHE B 268 11.28 11.40 17.61
C PHE B 268 11.85 11.17 19.01
N GLY B 269 12.03 9.89 19.39
CA GLY B 269 12.62 9.51 20.66
C GLY B 269 12.02 10.12 21.91
N MET B 270 10.69 10.25 21.95
CA MET B 270 9.98 10.81 23.08
C MET B 270 9.69 9.78 24.17
N PHE B 271 9.17 10.30 25.29
CA PHE B 271 8.69 9.62 26.50
C PHE B 271 9.80 8.90 27.32
N ARG B 272 11.02 9.42 27.17
CA ARG B 272 12.23 9.01 27.94
C ARG B 272 12.40 9.95 29.15
N GLN B 273 11.48 9.91 30.09
CA GLN B 273 11.44 10.72 31.32
C GLN B 273 10.63 9.90 32.33
N ALA B 274 11.28 9.44 33.42
CA ALA B 274 10.64 8.65 34.47
C ALA B 274 9.47 9.38 35.19
N SER B 275 9.53 10.73 35.25
CA SER B 275 8.56 11.59 35.93
C SER B 275 7.08 11.42 35.47
N ASP B 276 6.84 11.32 34.16
CA ASP B 276 5.48 11.21 33.61
C ASP B 276 5.07 9.80 33.19
N ARG B 277 5.81 8.75 33.62
CA ARG B 277 5.55 7.38 33.15
C ARG B 277 4.08 6.90 33.32
N GLU B 278 3.36 7.34 34.36
CA GLU B 278 1.96 6.95 34.60
C GLU B 278 1.06 7.52 33.54
N ALA B 279 1.22 8.82 33.23
CA ALA B 279 0.46 9.50 32.17
C ALA B 279 0.82 8.94 30.78
N VAL B 280 2.11 8.56 30.57
CA VAL B 280 2.60 7.96 29.32
C VAL B 280 1.99 6.57 29.10
N TYR B 281 2.16 5.64 30.06
CA TYR B 281 1.64 4.28 29.97
C TYR B 281 0.10 4.26 29.94
N ALA B 282 -0.59 5.24 30.58
CA ALA B 282 -2.05 5.38 30.52
C ALA B 282 -2.44 5.79 29.14
N ALA B 283 -1.67 6.75 28.52
CA ALA B 283 -1.97 7.22 27.15
C ALA B 283 -1.86 6.07 26.19
N PHE B 284 -0.75 5.26 26.26
CA PHE B 284 -0.55 4.08 25.41
C PHE B 284 -1.65 3.02 25.61
N THR B 285 -2.06 2.80 26.87
CA THR B 285 -3.11 1.84 27.23
C THR B 285 -4.44 2.25 26.64
N PHE B 286 -4.82 3.53 26.84
CA PHE B 286 -6.04 4.10 26.27
C PHE B 286 -6.05 3.93 24.75
N SER B 287 -4.89 4.18 24.11
CA SER B 287 -4.67 4.08 22.67
C SER B 287 -4.79 2.66 22.16
N HIS B 288 -4.29 1.66 22.95
CA HIS B 288 -4.41 0.24 22.61
C HIS B 288 -5.86 -0.14 22.70
N TRP B 289 -6.55 0.27 23.79
CA TRP B 289 -7.96 0.01 23.98
C TRP B 289 -8.81 0.56 22.83
N LEU B 290 -8.55 1.83 22.41
CA LEU B 290 -9.24 2.53 21.34
C LEU B 290 -9.20 1.78 20.01
N VAL B 291 -8.06 1.10 19.70
CA VAL B 291 -7.86 0.27 18.51
C VAL B 291 -8.85 -0.88 18.53
N TYR B 292 -9.00 -1.53 19.71
CA TYR B 292 -9.93 -2.64 19.92
C TYR B 292 -11.39 -2.16 19.95
N ALA B 293 -11.66 -0.93 20.49
CA ALA B 293 -12.99 -0.34 20.51
C ALA B 293 -13.49 -0.19 19.05
N ASN B 294 -12.57 0.02 18.07
CA ASN B 294 -12.94 0.10 16.65
C ASN B 294 -13.67 -1.16 16.14
N SER B 295 -13.20 -2.37 16.54
CA SER B 295 -13.79 -3.67 16.19
C SER B 295 -15.23 -3.78 16.71
N ALA B 296 -15.52 -3.20 17.90
CA ALA B 296 -16.84 -3.15 18.51
C ALA B 296 -17.74 -2.09 17.79
N ALA B 297 -17.14 -0.97 17.35
CA ALA B 297 -17.83 0.14 16.69
C ALA B 297 -18.48 -0.19 15.33
N ASN B 298 -17.71 -0.80 14.41
CA ASN B 298 -18.14 -1.14 13.04
C ASN B 298 -19.51 -1.85 12.96
N PRO B 299 -19.82 -2.98 13.65
CA PRO B 299 -21.18 -3.54 13.56
C PRO B 299 -22.27 -2.59 14.12
N ILE B 300 -21.94 -1.79 15.15
CA ILE B 300 -22.87 -0.80 15.73
C ILE B 300 -23.18 0.29 14.67
N ILE B 301 -22.17 0.69 13.87
CA ILE B 301 -22.34 1.67 12.80
C ILE B 301 -23.32 1.10 11.74
N TYR B 302 -23.11 -0.17 11.33
CA TYR B 302 -23.98 -0.82 10.32
C TYR B 302 -25.42 -0.93 10.83
N ASN B 303 -25.59 -1.18 12.12
CA ASN B 303 -26.93 -1.27 12.71
C ASN B 303 -27.67 0.05 12.55
N PHE B 304 -27.01 1.17 12.83
CA PHE B 304 -27.64 2.48 12.76
C PHE B 304 -27.66 3.10 11.36
N LEU B 305 -26.72 2.77 10.48
CA LEU B 305 -26.69 3.41 9.14
C LEU B 305 -27.01 2.47 7.95
N SER B 306 -27.32 1.19 8.21
CA SER B 306 -27.76 0.24 7.19
C SER B 306 -29.02 -0.45 7.65
N GLY B 307 -30.12 -0.20 6.96
CA GLY B 307 -31.41 -0.80 7.26
C GLY B 307 -31.40 -2.30 7.02
N LYS B 308 -30.58 -2.75 6.03
CA LYS B 308 -30.39 -4.16 5.67
C LYS B 308 -29.72 -4.95 6.80
N PHE B 309 -28.62 -4.39 7.37
CA PHE B 309 -27.92 -4.98 8.53
C PHE B 309 -28.81 -4.91 9.78
N ARG B 310 -29.44 -3.75 10.03
CA ARG B 310 -30.34 -3.56 11.18
C ARG B 310 -31.42 -4.65 11.25
N GLU B 311 -32.08 -4.98 10.13
CA GLU B 311 -33.14 -6.02 10.20
C GLU B 311 -32.56 -7.42 10.41
N GLN B 312 -31.31 -7.64 9.98
CA GLN B 312 -30.64 -8.91 10.22
C GLN B 312 -30.29 -9.06 11.70
N PHE B 313 -29.72 -7.99 12.32
CA PHE B 313 -29.36 -7.94 13.73
C PHE B 313 -30.60 -8.07 14.59
N LYS B 314 -31.68 -7.40 14.18
CA LYS B 314 -32.97 -7.46 14.87
C LYS B 314 -33.45 -8.92 14.92
N ALA B 315 -33.36 -9.65 13.79
CA ALA B 315 -33.76 -11.06 13.69
C ALA B 315 -32.87 -11.96 14.54
N ALA B 316 -31.57 -11.67 14.58
CA ALA B 316 -30.66 -12.52 15.38
C ALA B 316 -31.00 -12.41 16.87
N PHE B 317 -31.10 -11.19 17.39
CA PHE B 317 -31.41 -10.97 18.82
C PHE B 317 -32.85 -11.35 19.17
N SER B 318 -33.80 -11.01 18.30
CA SER B 318 -35.24 -11.24 18.58
C SER B 318 -35.76 -12.61 18.09
N TRP B 319 -34.97 -13.37 17.34
CA TRP B 319 -35.52 -14.66 16.83
C TRP B 319 -34.50 -15.79 16.88
N TRP B 320 -33.40 -15.65 16.13
CA TRP B 320 -32.38 -16.72 16.00
C TRP B 320 -31.70 -17.05 17.34
N LEU B 321 -31.29 -16.04 18.11
CA LEU B 321 -30.60 -16.35 19.39
C LEU B 321 -31.59 -16.87 20.44
N PRO B 322 -32.76 -16.23 20.65
CA PRO B 322 -33.72 -16.76 21.64
C PRO B 322 -34.23 -18.18 21.36
N GLY B 323 -34.36 -18.50 20.07
CA GLY B 323 -34.77 -19.81 19.59
C GLY B 323 -33.74 -20.91 19.75
N LEU B 324 -32.48 -20.63 19.35
CA LEU B 324 -31.34 -21.57 19.48
C LEU B 324 -30.94 -21.81 20.94
N ALA B 325 -31.22 -20.83 21.84
CA ALA B 325 -30.98 -20.92 23.28
C ALA B 325 -31.98 -21.95 23.84
N ALA B 326 -33.22 -21.96 23.31
CA ALA B 326 -34.29 -22.89 23.70
C ALA B 326 -34.01 -24.30 23.16
N ALA B 327 -33.26 -24.39 22.03
CA ALA B 327 -32.88 -25.63 21.37
C ALA B 327 -31.39 -25.90 21.55
#